data_8YTL
#
_entry.id   8YTL
#
_cell.length_a   45.395
_cell.length_b   61.344
_cell.length_c   100.906
_cell.angle_alpha   90.000
_cell.angle_beta   90.000
_cell.angle_gamma   90.000
#
_symmetry.space_group_name_H-M   'P 21 21 21'
#
loop_
_entity.id
_entity.type
_entity.pdbx_description
1 polymer 'Peroxisome proliferator-activated receptor alpha'
2 polymer 'Peroxisome proliferator-activated receptor gamma coactivator 1-alpha'
3 non-polymer S-1,2-PROPANEDIOL
4 non-polymer '1-(4-fluorophenyl)-6-[4-[(2-methylpropan-2-yl)oxycarbonyl]piperazin-1-yl]-3-pentan-3-yl-pyrazolo[3,4-b]pyridine-4-carboxylic acid'
5 water water
#
loop_
_entity_poly.entity_id
_entity_poly.type
_entity_poly.pdbx_seq_one_letter_code
_entity_poly.pdbx_strand_id
1 'polypeptide(L)'
;GGQTADLKSLAKRIYEAYLKNFNMNKVKARVILSGKASNNPPFVIHDMETLCMAEKTLVAKLVANGIQNKEAEVRIFHCC
QCTSVETVTELTEFAKAIPGFANLDLNDQVTLLKYGVYEAIFAMLSSVMNKDGMLVAYGNGFITREFLKSLRKPFCDIME
PKFDFAMKFNALELDDSDISLFVAAIICCGDRPGLLNVGHIEKMQEGIVHVLRLHLQSNHPDDIFLFPKLLQKMADLRQL
VTEHAQLVQIIKKTESDAALHPLLQEIYRDMY
;
A
2 'polypeptide(L)' PQEAEEPSLLKKLLLAPANTQL B
#
# COMPACT_ATOMS: atom_id res chain seq x y z
N ASP A 6 0.60 20.65 -16.09
CA ASP A 6 1.89 20.69 -16.78
C ASP A 6 2.61 19.35 -16.65
N LEU A 7 2.90 18.73 -17.78
CA LEU A 7 3.54 17.43 -17.80
C LEU A 7 5.06 17.51 -17.72
N LYS A 8 5.64 18.70 -17.87
CA LYS A 8 7.09 18.83 -17.78
C LYS A 8 7.58 18.67 -16.34
N SER A 9 6.77 19.09 -15.37
CA SER A 9 7.12 18.99 -13.95
C SER A 9 6.26 17.95 -13.22
N LEU A 10 5.69 17.00 -13.95
CA LEU A 10 4.81 16.02 -13.32
C LEU A 10 5.59 15.05 -12.43
N ALA A 11 6.73 14.55 -12.90
CA ALA A 11 7.50 13.60 -12.12
C ALA A 11 8.03 14.23 -10.84
N LYS A 12 8.46 15.49 -10.92
CA LYS A 12 8.97 16.17 -9.73
C LYS A 12 7.87 16.43 -8.72
N ARG A 13 6.67 16.80 -9.20
CA ARG A 13 5.58 17.11 -8.29
C ARG A 13 5.06 15.85 -7.60
N ILE A 14 4.98 14.72 -8.33
CA ILE A 14 4.51 13.49 -7.73
C ILE A 14 5.52 12.95 -6.73
N TYR A 15 6.81 13.02 -7.07
CA TYR A 15 7.85 12.60 -6.13
C TYR A 15 7.81 13.45 -4.86
N GLU A 16 7.58 14.75 -4.99
CA GLU A 16 7.51 15.62 -3.82
C GLU A 16 6.28 15.29 -2.97
N ALA A 17 5.13 15.07 -3.61
CA ALA A 17 3.94 14.68 -2.86
C ALA A 17 4.13 13.34 -2.17
N TYR A 18 4.93 12.45 -2.78
CA TYR A 18 5.26 11.18 -2.14
C TYR A 18 6.08 11.39 -0.87
N LEU A 19 7.12 12.20 -0.95
CA LEU A 19 7.96 12.46 0.22
C LEU A 19 7.21 13.28 1.27
N LYS A 20 6.23 14.07 0.86
CA LYS A 20 5.50 14.93 1.79
C LYS A 20 4.46 14.16 2.60
N ASN A 21 3.83 13.15 2.00
CA ASN A 21 2.64 12.55 2.59
C ASN A 21 2.87 11.20 3.24
N PHE A 22 3.93 10.49 2.89
CA PHE A 22 4.17 9.14 3.41
C PHE A 22 5.25 9.18 4.48
N ASN A 23 4.87 8.77 5.71
CA ASN A 23 5.82 8.78 6.82
C ASN A 23 6.96 7.79 6.59
N MET A 24 6.71 6.73 5.81
CA MET A 24 7.72 5.70 5.56
C MET A 24 7.93 5.57 4.06
N ASN A 25 9.19 5.58 3.63
CA ASN A 25 9.53 5.37 2.23
C ASN A 25 10.68 4.36 2.13
N LYS A 26 11.21 4.17 0.92
CA LYS A 26 12.21 3.13 0.71
C LYS A 26 13.56 3.52 1.32
N VAL A 27 14.00 4.75 1.10
CA VAL A 27 15.31 5.16 1.60
C VAL A 27 15.31 5.23 3.13
N LYS A 28 14.14 5.46 3.74
CA LYS A 28 14.06 5.44 5.19
C LYS A 28 14.01 4.01 5.72
N ALA A 29 13.27 3.13 5.05
CA ALA A 29 13.19 1.74 5.49
C ALA A 29 14.51 1.01 5.27
N ARG A 30 15.20 1.29 4.16
CA ARG A 30 16.48 0.65 3.90
C ARG A 30 17.51 1.05 4.94
N VAL A 31 17.42 2.28 5.46
CA VAL A 31 18.33 2.71 6.52
C VAL A 31 18.11 1.90 7.79
N ILE A 32 16.84 1.67 8.15
CA ILE A 32 16.54 0.92 9.36
C ILE A 32 16.87 -0.56 9.17
N LEU A 33 16.52 -1.12 8.01
CA LEU A 33 16.79 -2.53 7.74
C LEU A 33 18.28 -2.84 7.66
N SER A 34 19.15 -1.84 7.61
CA SER A 34 20.59 -2.06 7.58
C SER A 34 21.18 -1.97 8.97
N PRO A 42 15.48 -0.60 16.63
CA PRO A 42 14.82 -1.61 15.79
C PRO A 42 14.70 -2.96 16.50
N PHE A 43 13.68 -3.11 17.33
CA PHE A 43 13.52 -4.35 18.09
C PHE A 43 13.01 -5.46 17.19
N VAL A 44 13.55 -6.66 17.37
CA VAL A 44 13.22 -7.81 16.54
C VAL A 44 12.14 -8.63 17.24
N ILE A 45 11.06 -8.91 16.52
CA ILE A 45 9.98 -9.76 17.00
C ILE A 45 10.08 -11.09 16.25
N HIS A 46 10.51 -12.15 16.95
CA HIS A 46 10.67 -13.45 16.33
C HIS A 46 9.93 -14.58 17.05
N ASP A 47 9.32 -14.31 18.20
CA ASP A 47 8.55 -15.33 18.90
C ASP A 47 7.48 -14.63 19.74
N MET A 48 6.76 -15.42 20.55
CA MET A 48 5.74 -14.85 21.42
C MET A 48 6.35 -14.01 22.53
N GLU A 49 7.58 -14.33 22.94
CA GLU A 49 8.23 -13.58 24.01
C GLU A 49 8.62 -12.18 23.54
N THR A 50 9.29 -12.09 22.39
CA THR A 50 9.70 -10.79 21.88
C THR A 50 8.50 -9.96 21.42
N LEU A 51 7.41 -10.61 21.01
CA LEU A 51 6.21 -9.87 20.66
C LEU A 51 5.66 -9.12 21.86
N CYS A 52 5.54 -9.82 23.00
CA CYS A 52 5.08 -9.16 24.22
C CYS A 52 6.08 -8.13 24.72
N MET A 53 7.37 -8.37 24.50
CA MET A 53 8.38 -7.38 24.88
C MET A 53 8.21 -6.09 24.09
N ALA A 54 7.93 -6.21 22.79
CA ALA A 54 7.75 -5.01 21.96
C ALA A 54 6.44 -4.30 22.29
N GLU A 55 5.37 -5.05 22.52
CA GLU A 55 4.08 -4.45 22.82
C GLU A 55 4.09 -3.71 24.15
N LYS A 56 4.97 -4.08 25.08
CA LYS A 56 5.06 -3.38 26.35
C LYS A 56 5.55 -1.94 26.19
N THR A 57 6.22 -1.62 25.08
CA THR A 57 6.77 -0.29 24.87
C THR A 57 6.12 0.47 23.72
N LEU A 58 5.52 -0.22 22.75
CA LEU A 58 4.99 0.41 21.56
C LEU A 58 3.47 0.44 21.47
N VAL A 59 2.78 -0.24 22.37
CA VAL A 59 1.32 -0.25 22.39
C VAL A 59 0.84 0.27 23.74
N ALA A 60 -0.23 1.05 23.72
CA ALA A 60 -0.80 1.63 24.93
C ALA A 60 -1.81 0.68 25.57
N LYS A 61 -2.00 0.85 26.87
CA LYS A 61 -2.93 0.04 27.66
C LYS A 61 -4.15 0.86 28.03
N LEU A 62 -5.32 0.25 27.90
CA LEU A 62 -6.57 0.92 28.23
C LEU A 62 -7.38 0.11 29.25
N ASN A 69 -5.34 -7.92 25.84
CA ASN A 69 -6.15 -9.00 26.40
C ASN A 69 -6.46 -10.04 25.32
N LYS A 70 -6.65 -9.57 24.09
CA LYS A 70 -6.99 -10.45 22.99
C LYS A 70 -5.79 -11.32 22.61
N GLU A 71 -6.05 -12.30 21.75
CA GLU A 71 -5.01 -13.22 21.31
C GLU A 71 -3.96 -12.49 20.48
N ALA A 72 -2.73 -13.03 20.50
CA ALA A 72 -1.61 -12.38 19.82
C ALA A 72 -1.88 -12.19 18.34
N GLU A 73 -2.57 -13.15 17.70
CA GLU A 73 -2.90 -13.01 16.29
C GLU A 73 -3.84 -11.83 16.05
N VAL A 74 -4.75 -11.57 17.00
CA VAL A 74 -5.66 -10.44 16.87
C VAL A 74 -4.94 -9.13 17.16
N ARG A 75 -3.94 -9.17 18.04
CA ARG A 75 -3.19 -7.94 18.34
C ARG A 75 -2.39 -7.48 17.13
N ILE A 76 -1.71 -8.42 16.44
CA ILE A 76 -1.00 -8.06 15.22
C ILE A 76 -2.00 -7.65 14.13
N PHE A 77 -3.17 -8.27 14.11
CA PHE A 77 -4.21 -7.92 13.14
C PHE A 77 -4.64 -6.47 13.33
N HIS A 78 -4.91 -6.06 14.57
CA HIS A 78 -5.36 -4.70 14.84
C HIS A 78 -4.25 -3.69 14.56
N CYS A 79 -3.00 -4.05 14.87
CA CYS A 79 -1.89 -3.14 14.60
C CYS A 79 -1.67 -2.96 13.09
N CYS A 80 -1.82 -4.04 12.32
CA CYS A 80 -1.63 -3.95 10.88
C CYS A 80 -2.76 -3.18 10.21
N GLN A 81 -4.00 -3.44 10.62
CA GLN A 81 -5.13 -2.73 10.02
C GLN A 81 -5.12 -1.26 10.41
N CYS A 82 -4.61 -0.91 11.59
CA CYS A 82 -4.46 0.48 11.96
C CYS A 82 -3.44 1.18 11.08
N THR A 83 -2.33 0.49 10.78
CA THR A 83 -1.34 1.03 9.85
C THR A 83 -1.96 1.29 8.48
N SER A 84 -2.85 0.40 8.03
CA SER A 84 -3.51 0.59 6.76
C SER A 84 -4.40 1.84 6.78
N VAL A 85 -5.07 2.10 7.90
CA VAL A 85 -5.96 3.25 8.00
C VAL A 85 -5.18 4.54 7.82
N GLU A 86 -4.03 4.66 8.48
CA GLU A 86 -3.21 5.85 8.33
C GLU A 86 -2.68 5.98 6.90
N THR A 87 -2.33 4.86 6.28
CA THR A 87 -1.81 4.89 4.91
C THR A 87 -2.89 5.32 3.92
N VAL A 88 -4.14 4.92 4.16
CA VAL A 88 -5.24 5.37 3.31
C VAL A 88 -5.38 6.89 3.40
N THR A 89 -5.24 7.43 4.61
CA THR A 89 -5.27 8.88 4.76
C THR A 89 -4.12 9.55 4.02
N GLU A 90 -2.92 8.97 4.12
CA GLU A 90 -1.78 9.52 3.39
C GLU A 90 -1.98 9.37 1.88
N LEU A 91 -2.52 8.24 1.43
CA LEU A 91 -2.77 8.05 0.01
C LEU A 91 -3.83 9.01 -0.51
N THR A 92 -4.80 9.36 0.33
CA THR A 92 -5.82 10.33 -0.07
C THR A 92 -5.20 11.69 -0.31
N GLU A 93 -4.35 12.14 0.62
CA GLU A 93 -3.67 13.42 0.44
C GLU A 93 -2.69 13.37 -0.72
N PHE A 94 -2.04 12.23 -0.91
CA PHE A 94 -1.13 12.07 -2.04
C PHE A 94 -1.88 12.20 -3.37
N ALA A 95 -3.06 11.58 -3.47
CA ALA A 95 -3.84 11.69 -4.69
C ALA A 95 -4.31 13.11 -4.93
N LYS A 96 -4.58 13.87 -3.86
CA LYS A 96 -5.01 15.25 -4.02
C LYS A 96 -3.95 16.11 -4.69
N ALA A 97 -2.67 15.79 -4.47
CA ALA A 97 -1.59 16.55 -5.08
C ALA A 97 -1.30 16.12 -6.51
N ILE A 98 -1.92 15.05 -6.99
CA ILE A 98 -1.78 14.63 -8.38
C ILE A 98 -2.57 15.60 -9.26
N PRO A 99 -1.93 16.27 -10.22
CA PRO A 99 -2.66 17.23 -11.05
C PRO A 99 -3.80 16.58 -11.82
N GLY A 100 -4.98 17.17 -11.70
CA GLY A 100 -6.17 16.68 -12.35
C GLY A 100 -7.07 15.81 -11.48
N PHE A 101 -6.52 15.24 -10.41
CA PHE A 101 -7.33 14.38 -9.54
C PHE A 101 -8.42 15.16 -8.84
N ALA A 102 -8.08 16.34 -8.29
CA ALA A 102 -9.05 17.15 -7.59
C ALA A 102 -10.13 17.71 -8.51
N ASN A 103 -9.87 17.74 -9.82
CA ASN A 103 -10.86 18.23 -10.78
C ASN A 103 -11.93 17.20 -11.09
N LEU A 104 -11.70 15.93 -10.76
CA LEU A 104 -12.70 14.89 -11.00
C LEU A 104 -13.89 15.07 -10.08
N ASP A 105 -15.00 14.44 -10.45
CA ASP A 105 -16.17 14.42 -9.58
C ASP A 105 -15.84 13.67 -8.30
N LEU A 106 -16.53 14.04 -7.23
CA LEU A 106 -16.25 13.46 -5.92
C LEU A 106 -16.47 11.96 -5.91
N ASN A 107 -17.48 11.49 -6.65
CA ASN A 107 -17.73 10.05 -6.72
C ASN A 107 -16.60 9.32 -7.44
N ASP A 108 -16.03 9.95 -8.47
CA ASP A 108 -14.92 9.32 -9.18
C ASP A 108 -13.66 9.26 -8.31
N GLN A 109 -13.45 10.29 -7.48
CA GLN A 109 -12.32 10.26 -6.56
C GLN A 109 -12.45 9.12 -5.54
N VAL A 110 -13.68 8.84 -5.11
CA VAL A 110 -13.92 7.75 -4.18
C VAL A 110 -13.63 6.41 -4.85
N THR A 111 -14.07 6.26 -6.11
CA THR A 111 -13.87 4.99 -6.80
C THR A 111 -12.39 4.71 -7.04
N LEU A 112 -11.63 5.74 -7.43
CA LEU A 112 -10.20 5.55 -7.68
C LEU A 112 -9.47 5.11 -6.41
N LEU A 113 -9.76 5.77 -5.28
CA LEU A 113 -9.11 5.41 -4.03
C LEU A 113 -9.57 4.04 -3.54
N LYS A 114 -10.86 3.74 -3.69
CA LYS A 114 -11.41 2.50 -3.15
C LYS A 114 -10.69 1.27 -3.71
N TYR A 115 -10.47 1.25 -5.02
CA TYR A 115 -9.84 0.11 -5.67
C TYR A 115 -8.33 0.26 -5.80
N GLY A 116 -7.78 1.42 -5.46
CA GLY A 116 -6.36 1.68 -5.68
C GLY A 116 -5.49 1.65 -4.45
N VAL A 117 -6.05 1.91 -3.27
CA VAL A 117 -5.21 2.08 -2.08
C VAL A 117 -4.46 0.80 -1.73
N TYR A 118 -5.13 -0.35 -1.83
CA TYR A 118 -4.48 -1.58 -1.40
C TYR A 118 -3.48 -2.09 -2.43
N GLU A 119 -3.67 -1.78 -3.71
CA GLU A 119 -2.62 -2.04 -4.68
C GLU A 119 -1.39 -1.19 -4.39
N ALA A 120 -1.59 0.07 -4.02
CA ALA A 120 -0.47 0.93 -3.66
C ALA A 120 0.14 0.49 -2.33
N ILE A 121 -0.69 0.04 -1.39
CA ILE A 121 -0.18 -0.35 -0.07
C ILE A 121 0.74 -1.56 -0.18
N PHE A 122 0.32 -2.58 -0.94
CA PHE A 122 1.15 -3.77 -1.07
C PHE A 122 2.36 -3.52 -1.94
N ALA A 123 2.27 -2.56 -2.88
CA ALA A 123 3.46 -2.14 -3.62
C ALA A 123 4.44 -1.43 -2.69
N MET A 124 3.93 -0.49 -1.89
CA MET A 124 4.78 0.22 -0.93
C MET A 124 5.24 -0.67 0.21
N LEU A 125 4.50 -1.74 0.51
CA LEU A 125 4.92 -2.68 1.55
C LEU A 125 6.26 -3.31 1.20
N SER A 126 6.55 -3.49 -0.09
CA SER A 126 7.82 -4.10 -0.50
C SER A 126 9.01 -3.27 -0.03
N SER A 127 8.83 -1.96 0.17
CA SER A 127 9.94 -1.11 0.57
C SER A 127 10.42 -1.40 1.98
N VAL A 128 9.54 -1.94 2.83
CA VAL A 128 9.90 -2.25 4.21
C VAL A 128 10.10 -3.75 4.42
N MET A 129 10.12 -4.53 3.35
CA MET A 129 10.27 -5.98 3.43
C MET A 129 11.64 -6.40 2.93
N ASN A 130 12.21 -7.42 3.58
CA ASN A 130 13.32 -8.16 3.01
C ASN A 130 12.98 -9.64 3.04
N LYS A 131 13.96 -10.51 2.76
CA LYS A 131 13.68 -11.94 2.75
C LYS A 131 13.39 -12.49 4.14
N ASP A 132 13.74 -11.76 5.19
CA ASP A 132 13.65 -12.27 6.56
C ASP A 132 12.52 -11.65 7.37
N GLY A 133 11.91 -10.56 6.91
CA GLY A 133 10.83 -9.96 7.66
C GLY A 133 10.50 -8.58 7.13
N MET A 134 9.72 -7.85 7.93
CA MET A 134 9.24 -6.53 7.55
C MET A 134 9.26 -5.60 8.75
N LEU A 135 9.31 -4.31 8.47
CA LEU A 135 9.28 -3.29 9.52
C LEU A 135 7.85 -3.08 9.99
N VAL A 136 7.71 -2.78 11.29
CA VAL A 136 6.42 -2.51 11.91
C VAL A 136 6.58 -1.34 12.88
N ALA A 137 5.45 -0.81 13.33
CA ALA A 137 5.40 0.25 14.34
C ALA A 137 6.24 1.46 13.92
N TYR A 138 6.05 1.88 12.67
CA TYR A 138 6.70 3.09 12.14
C TYR A 138 8.22 3.00 12.24
N GLY A 139 8.77 1.83 11.92
CA GLY A 139 10.20 1.63 11.91
C GLY A 139 10.81 1.26 13.24
N ASN A 140 10.02 1.22 14.32
CA ASN A 140 10.54 0.89 15.64
C ASN A 140 10.61 -0.61 15.90
N GLY A 141 10.06 -1.44 15.01
CA GLY A 141 10.08 -2.87 15.20
C GLY A 141 10.32 -3.59 13.90
N PHE A 142 10.70 -4.86 14.02
CA PHE A 142 10.97 -5.72 12.87
C PHE A 142 10.48 -7.13 13.20
N ILE A 143 9.40 -7.54 12.57
CA ILE A 143 8.81 -8.86 12.78
C ILE A 143 9.32 -9.80 11.71
N THR A 144 9.70 -11.02 12.12
CA THR A 144 10.35 -11.94 11.20
C THR A 144 9.31 -12.67 10.34
N ARG A 145 9.77 -13.13 9.17
CA ARG A 145 8.89 -13.83 8.24
C ARG A 145 8.43 -15.17 8.81
N GLU A 146 9.33 -15.87 9.51
CA GLU A 146 8.97 -17.18 10.05
C GLU A 146 7.95 -17.06 11.19
N PHE A 147 8.08 -16.02 12.02
CA PHE A 147 7.13 -15.84 13.11
C PHE A 147 5.73 -15.55 12.59
N LEU A 148 5.64 -14.83 11.46
CA LEU A 148 4.34 -14.61 10.84
C LEU A 148 3.77 -15.90 10.28
N LYS A 149 4.64 -16.74 9.70
CA LYS A 149 4.19 -18.05 9.22
C LYS A 149 3.89 -19.00 10.37
N SER A 150 4.57 -18.82 11.50
CA SER A 150 4.35 -19.68 12.66
C SER A 150 3.02 -19.39 13.36
N LEU A 151 2.32 -18.32 12.98
CA LEU A 151 1.03 -18.02 13.58
C LEU A 151 -0.02 -19.03 13.13
N ARG A 152 -1.19 -18.95 13.77
CA ARG A 152 -2.29 -19.84 13.42
C ARG A 152 -3.03 -19.32 12.20
N LYS A 153 -3.70 -20.24 11.51
CA LYS A 153 -4.49 -19.86 10.34
C LYS A 153 -5.75 -19.12 10.77
N PRO A 154 -6.23 -18.17 9.95
CA PRO A 154 -5.69 -17.78 8.65
C PRO A 154 -4.71 -16.60 8.72
N PHE A 155 -4.26 -16.27 9.93
CA PHE A 155 -3.38 -15.13 10.11
C PHE A 155 -1.99 -15.37 9.53
N CYS A 156 -1.56 -16.63 9.42
CA CYS A 156 -0.26 -16.93 8.84
C CYS A 156 -0.27 -16.95 7.32
N ASP A 157 -1.44 -16.87 6.70
CA ASP A 157 -1.56 -16.86 5.25
C ASP A 157 -1.77 -15.46 4.68
N ILE A 158 -1.49 -14.43 5.47
CA ILE A 158 -1.79 -13.06 5.07
C ILE A 158 -0.60 -12.44 4.36
N MET A 159 0.53 -12.35 5.05
CA MET A 159 1.69 -11.65 4.52
C MET A 159 2.58 -12.52 3.64
N GLU A 160 2.42 -13.84 3.66
CA GLU A 160 3.27 -14.71 2.85
C GLU A 160 3.18 -14.40 1.36
N PRO A 161 2.00 -14.24 0.75
CA PRO A 161 1.98 -13.85 -0.67
C PRO A 161 2.48 -12.43 -0.90
N LYS A 162 2.49 -11.59 0.13
CA LYS A 162 3.03 -10.24 0.00
C LYS A 162 4.55 -10.26 0.00
N PHE A 163 5.15 -11.14 0.79
CA PHE A 163 6.59 -11.33 0.75
C PHE A 163 7.03 -11.85 -0.61
N ASP A 164 6.27 -12.79 -1.18
CA ASP A 164 6.61 -13.33 -2.49
C ASP A 164 6.55 -12.24 -3.56
N PHE A 165 5.50 -11.41 -3.52
CA PHE A 165 5.43 -10.28 -4.45
C PHE A 165 6.58 -9.31 -4.21
N ALA A 166 6.87 -9.01 -2.94
CA ALA A 166 7.91 -8.03 -2.63
C ALA A 166 9.29 -8.51 -3.08
N MET A 167 9.54 -9.82 -3.02
CA MET A 167 10.86 -10.33 -3.41
C MET A 167 11.10 -10.11 -4.90
N LYS A 168 10.09 -10.38 -5.73
CA LYS A 168 10.24 -10.11 -7.16
C LYS A 168 10.21 -8.62 -7.47
N PHE A 169 9.39 -7.86 -6.72
CA PHE A 169 9.30 -6.42 -6.95
C PHE A 169 10.60 -5.71 -6.54
N ASN A 170 11.19 -6.12 -5.42
CA ASN A 170 12.43 -5.50 -4.95
C ASN A 170 13.61 -5.82 -5.86
N ALA A 171 13.55 -6.92 -6.62
CA ALA A 171 14.61 -7.24 -7.56
C ALA A 171 14.68 -6.23 -8.69
N LEU A 172 13.59 -5.49 -8.96
CA LEU A 172 13.62 -4.43 -9.96
C LEU A 172 14.48 -3.25 -9.53
N GLU A 173 14.75 -3.13 -8.22
CA GLU A 173 15.64 -2.10 -7.69
C GLU A 173 15.13 -0.69 -8.01
N LEU A 174 13.85 -0.47 -7.78
CA LEU A 174 13.28 0.86 -7.91
C LEU A 174 13.62 1.71 -6.70
N ASP A 175 13.68 3.01 -6.89
CA ASP A 175 13.85 3.97 -5.80
C ASP A 175 12.54 4.72 -5.59
N ASP A 176 12.55 5.62 -4.59
CA ASP A 176 11.35 6.37 -4.26
C ASP A 176 10.84 7.20 -5.44
N SER A 177 11.75 7.65 -6.31
CA SER A 177 11.32 8.40 -7.47
C SER A 177 10.55 7.52 -8.45
N ASP A 178 10.96 6.25 -8.59
CA ASP A 178 10.21 5.32 -9.43
C ASP A 178 8.89 4.95 -8.80
N ILE A 179 8.91 4.64 -7.49
CA ILE A 179 7.70 4.14 -6.82
C ILE A 179 6.62 5.22 -6.78
N SER A 180 7.02 6.48 -6.59
CA SER A 180 6.04 7.56 -6.52
C SER A 180 5.21 7.64 -7.80
N LEU A 181 5.86 7.51 -8.95
CA LEU A 181 5.12 7.50 -10.22
C LEU A 181 4.33 6.22 -10.39
N PHE A 182 4.86 5.10 -9.90
CA PHE A 182 4.15 3.82 -9.96
C PHE A 182 2.85 3.88 -9.16
N VAL A 183 2.92 4.43 -7.95
CA VAL A 183 1.72 4.56 -7.12
C VAL A 183 0.72 5.52 -7.74
N ALA A 184 1.21 6.62 -8.34
CA ALA A 184 0.31 7.55 -9.02
C ALA A 184 -0.42 6.86 -10.17
N ALA A 185 0.28 6.02 -10.94
CA ALA A 185 -0.36 5.30 -12.02
C ALA A 185 -1.39 4.29 -11.50
N ILE A 186 -1.14 3.72 -10.32
CA ILE A 186 -2.09 2.78 -9.73
C ILE A 186 -3.40 3.48 -9.38
N ILE A 187 -3.29 4.65 -8.73
CA ILE A 187 -4.47 5.37 -8.29
C ILE A 187 -5.27 5.87 -9.50
N CYS A 188 -4.60 6.51 -10.45
CA CYS A 188 -5.24 7.06 -11.64
C CYS A 188 -5.39 5.95 -12.68
N CYS A 189 -6.32 5.04 -12.41
CA CYS A 189 -6.59 3.90 -13.28
CA CYS A 189 -6.59 3.89 -13.27
C CYS A 189 -8.01 4.01 -13.81
N GLY A 190 -8.14 4.12 -15.12
CA GLY A 190 -9.44 4.20 -15.76
C GLY A 190 -10.19 2.89 -15.88
N ASP A 191 -9.67 1.82 -15.30
CA ASP A 191 -10.29 0.51 -15.36
C ASP A 191 -11.15 0.18 -14.16
N ARG A 192 -11.23 1.09 -13.18
CA ARG A 192 -11.96 0.80 -11.95
C ARG A 192 -13.45 0.70 -12.24
N PRO A 193 -14.15 -0.24 -11.61
CA PRO A 193 -15.59 -0.39 -11.88
C PRO A 193 -16.39 0.79 -11.33
N GLY A 194 -17.35 1.25 -12.13
CA GLY A 194 -18.21 2.33 -11.73
C GLY A 194 -17.67 3.72 -11.98
N LEU A 195 -16.57 3.86 -12.72
CA LEU A 195 -16.03 5.17 -13.02
C LEU A 195 -16.92 5.92 -13.99
N LEU A 196 -17.02 7.24 -13.80
CA LEU A 196 -17.85 8.08 -14.66
C LEU A 196 -17.01 8.66 -15.80
N ASN A 197 -16.06 9.53 -15.46
CA ASN A 197 -15.21 10.17 -16.46
C ASN A 197 -14.06 9.23 -16.83
N VAL A 198 -14.43 8.18 -17.58
CA VAL A 198 -13.45 7.16 -17.94
C VAL A 198 -12.43 7.70 -18.93
N GLY A 199 -12.88 8.47 -19.92
CA GLY A 199 -11.97 8.97 -20.93
C GLY A 199 -10.97 9.97 -20.39
N HIS A 200 -11.39 10.80 -19.43
CA HIS A 200 -10.48 11.79 -18.87
C HIS A 200 -9.51 11.15 -17.88
N ILE A 201 -9.97 10.18 -17.08
CA ILE A 201 -9.07 9.47 -16.19
C ILE A 201 -8.05 8.66 -16.98
N GLU A 202 -8.49 8.05 -18.09
CA GLU A 202 -7.56 7.38 -18.99
C GLU A 202 -6.52 8.35 -19.53
N LYS A 203 -6.93 9.60 -19.80
CA LYS A 203 -5.98 10.61 -20.24
C LYS A 203 -5.01 10.97 -19.11
N MET A 204 -5.51 11.06 -17.88
CA MET A 204 -4.63 11.30 -16.74
C MET A 204 -3.64 10.16 -16.57
N GLN A 205 -4.11 8.91 -16.70
CA GLN A 205 -3.23 7.76 -16.62
C GLN A 205 -2.19 7.78 -17.73
N GLU A 206 -2.59 8.18 -18.93
CA GLU A 206 -1.66 8.24 -20.05
C GLU A 206 -0.50 9.19 -19.75
N GLY A 207 -0.81 10.35 -19.18
CA GLY A 207 0.24 11.29 -18.84
C GLY A 207 1.19 10.77 -17.77
N ILE A 208 0.63 10.17 -16.71
CA ILE A 208 1.47 9.63 -15.65
C ILE A 208 2.31 8.47 -16.16
N VAL A 209 1.70 7.57 -16.93
CA VAL A 209 2.41 6.41 -17.44
C VAL A 209 3.52 6.85 -18.41
N HIS A 210 3.22 7.82 -19.26
CA HIS A 210 4.24 8.32 -20.20
C HIS A 210 5.39 8.97 -19.45
N VAL A 211 5.08 9.75 -18.41
CA VAL A 211 6.13 10.36 -17.59
C VAL A 211 6.92 9.28 -16.86
N LEU A 212 6.23 8.23 -16.39
CA LEU A 212 6.94 7.12 -15.76
C LEU A 212 7.83 6.39 -16.76
N ARG A 213 7.38 6.29 -18.02
CA ARG A 213 8.19 5.65 -19.04
C ARG A 213 9.50 6.39 -19.26
N LEU A 214 9.43 7.72 -19.38
CA LEU A 214 10.65 8.50 -19.57
C LEU A 214 11.54 8.45 -18.33
N HIS A 215 10.94 8.48 -17.14
CA HIS A 215 11.73 8.44 -15.92
C HIS A 215 12.46 7.11 -15.80
N LEU A 216 11.79 5.99 -16.13
CA LEU A 216 12.46 4.70 -16.11
C LEU A 216 13.58 4.63 -17.14
N GLN A 217 13.41 5.31 -18.27
CA GLN A 217 14.47 5.33 -19.29
C GLN A 217 15.70 6.08 -18.82
N SER A 218 15.51 7.15 -18.03
CA SER A 218 16.61 7.93 -17.47
C SER A 218 17.19 7.32 -16.21
N ASN A 219 16.34 6.77 -15.34
CA ASN A 219 16.81 6.27 -14.05
C ASN A 219 17.35 4.85 -14.13
N HIS A 220 16.89 4.06 -15.09
CA HIS A 220 17.32 2.67 -15.25
C HIS A 220 17.70 2.40 -16.70
N PRO A 221 18.78 2.99 -17.19
CA PRO A 221 19.21 2.72 -18.57
C PRO A 221 19.76 1.32 -18.78
N ASP A 222 20.06 0.59 -17.70
CA ASP A 222 20.57 -0.77 -17.80
C ASP A 222 19.48 -1.80 -18.06
N ASP A 223 18.20 -1.44 -17.89
CA ASP A 223 17.08 -2.36 -18.10
C ASP A 223 16.08 -1.64 -19.00
N ILE A 224 16.24 -1.82 -20.32
CA ILE A 224 15.36 -1.16 -21.28
C ILE A 224 14.01 -1.84 -21.40
N PHE A 225 13.78 -2.94 -20.68
CA PHE A 225 12.48 -3.59 -20.62
C PHE A 225 11.86 -3.49 -19.23
N LEU A 226 12.26 -2.48 -18.46
CA LEU A 226 11.75 -2.34 -17.10
C LEU A 226 10.27 -1.93 -17.10
N PHE A 227 9.86 -1.10 -18.05
CA PHE A 227 8.47 -0.63 -18.07
C PHE A 227 7.47 -1.76 -18.29
N PRO A 228 7.65 -2.68 -19.25
CA PRO A 228 6.70 -3.80 -19.34
C PRO A 228 6.73 -4.71 -18.11
N LYS A 229 7.87 -4.80 -17.43
CA LYS A 229 7.92 -5.52 -16.15
C LYS A 229 6.97 -4.87 -15.14
N LEU A 230 7.01 -3.54 -15.05
CA LEU A 230 6.16 -2.84 -14.09
C LEU A 230 4.69 -2.94 -14.47
N LEU A 231 4.39 -3.00 -15.76
CA LEU A 231 3.01 -3.20 -16.19
C LEU A 231 2.48 -4.53 -15.68
N GLN A 232 3.31 -5.57 -15.71
CA GLN A 232 2.88 -6.87 -15.19
C GLN A 232 2.71 -6.84 -13.68
N LYS A 233 3.52 -6.03 -12.98
CA LYS A 233 3.37 -5.91 -11.53
C LYS A 233 2.04 -5.25 -11.17
N MET A 234 1.54 -4.35 -12.02
CA MET A 234 0.23 -3.76 -11.78
C MET A 234 -0.86 -4.81 -11.85
N ALA A 235 -0.76 -5.74 -12.81
CA ALA A 235 -1.72 -6.84 -12.88
C ALA A 235 -1.54 -7.82 -11.74
N ASP A 236 -0.29 -8.05 -11.32
CA ASP A 236 -0.04 -8.92 -10.17
C ASP A 236 -0.63 -8.33 -8.89
N LEU A 237 -0.62 -7.01 -8.75
CA LEU A 237 -1.15 -6.38 -7.54
C LEU A 237 -2.67 -6.50 -7.48
N ARG A 238 -3.35 -6.32 -8.62
CA ARG A 238 -4.80 -6.42 -8.62
C ARG A 238 -5.26 -7.83 -8.24
N GLN A 239 -4.52 -8.86 -8.68
CA GLN A 239 -4.84 -10.22 -8.28
C GLN A 239 -4.49 -10.46 -6.83
N LEU A 240 -3.37 -9.89 -6.36
CA LEU A 240 -3.00 -10.03 -4.95
C LEU A 240 -4.02 -9.36 -4.04
N VAL A 241 -4.65 -8.27 -4.49
CA VAL A 241 -5.64 -7.59 -3.67
C VAL A 241 -6.95 -8.36 -3.64
N THR A 242 -7.38 -8.88 -4.80
CA THR A 242 -8.65 -9.61 -4.85
C THR A 242 -8.60 -10.86 -3.97
N GLU A 243 -7.47 -11.56 -3.96
CA GLU A 243 -7.32 -12.69 -3.06
C GLU A 243 -7.19 -12.24 -1.61
N HIS A 244 -6.63 -11.06 -1.38
CA HIS A 244 -6.53 -10.54 -0.03
C HIS A 244 -7.90 -10.18 0.53
N ALA A 245 -8.78 -9.65 -0.32
CA ALA A 245 -10.13 -9.30 0.14
C ALA A 245 -10.90 -10.54 0.56
N GLN A 246 -10.58 -11.71 -0.03
CA GLN A 246 -11.22 -12.95 0.38
C GLN A 246 -10.79 -13.34 1.79
N LEU A 247 -9.54 -13.06 2.17
CA LEU A 247 -9.11 -13.29 3.54
C LEU A 247 -9.77 -12.31 4.50
N VAL A 248 -10.05 -11.09 4.04
CA VAL A 248 -10.73 -10.11 4.89
C VAL A 248 -12.14 -10.59 5.24
N GLN A 249 -12.84 -11.19 4.28
CA GLN A 249 -14.19 -11.67 4.54
C GLN A 249 -14.18 -12.90 5.44
N ILE A 250 -13.16 -13.75 5.33
CA ILE A 250 -13.05 -14.91 6.20
C ILE A 250 -12.91 -14.48 7.65
N ILE A 251 -12.05 -13.49 7.91
CA ILE A 251 -11.87 -12.97 9.26
C ILE A 251 -13.12 -12.25 9.73
N LYS A 252 -13.74 -11.47 8.85
CA LYS A 252 -14.95 -10.73 9.23
C LYS A 252 -16.07 -11.67 9.63
N LYS A 253 -16.17 -12.84 8.99
CA LYS A 253 -17.25 -13.77 9.25
C LYS A 253 -16.95 -14.76 10.37
N THR A 254 -15.68 -15.16 10.52
CA THR A 254 -15.33 -16.24 11.44
C THR A 254 -14.41 -15.80 12.58
N GLU A 255 -14.17 -14.49 12.74
CA GLU A 255 -13.35 -13.98 13.83
C GLU A 255 -14.11 -12.81 14.48
N SER A 256 -14.74 -13.08 15.62
CA SER A 256 -15.51 -12.05 16.31
C SER A 256 -14.60 -11.05 17.02
N ASP A 257 -13.51 -11.54 17.63
CA ASP A 257 -12.58 -10.65 18.31
C ASP A 257 -11.83 -9.74 17.37
N ALA A 258 -11.83 -10.03 16.08
CA ALA A 258 -11.13 -9.22 15.08
C ALA A 258 -12.12 -8.23 14.44
N ALA A 259 -12.51 -7.25 15.25
CA ALA A 259 -13.38 -6.18 14.76
C ALA A 259 -12.64 -5.35 13.73
N LEU A 260 -13.26 -5.15 12.58
CA LEU A 260 -12.60 -4.52 11.44
C LEU A 260 -12.93 -3.04 11.41
N HIS A 261 -11.95 -2.23 11.02
CA HIS A 261 -12.10 -0.78 11.08
C HIS A 261 -13.19 -0.31 10.11
N PRO A 262 -13.99 0.68 10.51
CA PRO A 262 -15.08 1.14 9.62
C PRO A 262 -14.60 1.66 8.27
N LEU A 263 -13.47 2.36 8.23
CA LEU A 263 -12.92 2.80 6.96
C LEU A 263 -12.57 1.62 6.07
N LEU A 264 -11.97 0.57 6.66
CA LEU A 264 -11.66 -0.62 5.89
C LEU A 264 -12.90 -1.40 5.53
N GLN A 265 -13.94 -1.36 6.38
CA GLN A 265 -15.23 -1.94 6.02
C GLN A 265 -15.78 -1.29 4.76
N GLU A 266 -15.70 0.04 4.68
CA GLU A 266 -16.23 0.76 3.53
C GLU A 266 -15.42 0.48 2.27
N ILE A 267 -14.11 0.29 2.40
CA ILE A 267 -13.27 0.08 1.24
C ILE A 267 -13.51 -1.30 0.63
N TYR A 268 -13.53 -2.33 1.47
CA TYR A 268 -13.69 -3.70 0.98
C TYR A 268 -15.13 -4.00 0.55
N ARG A 269 -16.11 -3.23 1.03
CA ARG A 269 -17.50 -3.52 0.71
C ARG A 269 -17.77 -3.29 -0.77
N ASP A 270 -18.41 -4.28 -1.41
CA ASP A 270 -18.79 -4.21 -2.82
C ASP A 270 -17.57 -4.04 -3.73
N MET A 271 -16.49 -4.73 -3.39
CA MET A 271 -15.28 -4.68 -4.20
C MET A 271 -15.25 -5.83 -5.21
N PRO B 7 -23.64 9.40 3.38
CA PRO B 7 -22.28 9.92 3.21
C PRO B 7 -21.22 8.98 3.78
N SER B 8 -20.14 8.75 3.03
CA SER B 8 -19.16 7.71 3.33
C SER B 8 -17.89 8.31 3.92
N LEU B 9 -17.13 7.45 4.60
CA LEU B 9 -15.92 7.90 5.29
C LEU B 9 -14.82 8.30 4.31
N LEU B 10 -14.72 7.62 3.16
CA LEU B 10 -13.74 8.02 2.15
C LEU B 10 -14.02 9.42 1.65
N LYS B 11 -15.29 9.83 1.61
CA LYS B 11 -15.62 11.19 1.21
C LYS B 11 -15.15 12.21 2.24
N LYS B 12 -15.04 11.81 3.51
CA LYS B 12 -14.54 12.73 4.53
C LYS B 12 -13.08 13.07 4.30
N LEU B 13 -12.27 12.07 3.96
CA LEU B 13 -10.86 12.33 3.69
C LEU B 13 -10.66 13.14 2.42
N LEU B 14 -11.57 13.00 1.44
CA LEU B 14 -11.43 13.74 0.20
C LEU B 14 -11.96 15.17 0.32
N LEU B 15 -12.98 15.39 1.14
CA LEU B 15 -13.55 16.72 1.33
C LEU B 15 -12.74 17.57 2.30
N ALA B 16 -11.69 17.02 2.90
CA ALA B 16 -10.86 17.78 3.83
C ALA B 16 -9.54 18.18 3.19
#